data_7ACU
#
_entry.id   7ACU
#
_cell.length_a   42.500
_cell.length_b   85.190
_cell.length_c   64.080
_cell.angle_alpha   90.000
_cell.angle_beta   90.000
_cell.angle_gamma   90.000
#
_symmetry.space_group_name_H-M   'P 21 21 2'
#
loop_
_entity.id
_entity.type
_entity.pdbx_description
1 polymer Transthyretin
2 non-polymer [3,5-bis(bromanyl)-4-oxidanyl-phenyl]-(2-ethyl-1-benzofuran-3-yl)methanone
3 water water
#
_entity_poly.entity_id   1
_entity_poly.type   'polypeptide(L)'
_entity_poly.pdbx_seq_one_letter_code
;CPLMVKVLDAVRGSPAINVAVHVFRKAADDTWEPFASGKTSESGELHGLTTEEEFVEGIYKVEIDTKSYWKALGISPFHE
HAEVVFTANDSGPRRYTIAALLSPYSYSTTAVVTN
;
_entity_poly.pdbx_strand_id   A,B
#
# COMPACT_ATOMS: atom_id res chain seq x y z
N CYS A 1 -12.12 -15.94 10.05
CA CYS A 1 -13.56 -15.75 9.91
C CYS A 1 -13.90 -14.25 9.70
N PRO A 2 -13.66 -13.37 10.68
CA PRO A 2 -13.94 -11.95 10.43
C PRO A 2 -12.92 -11.27 9.53
N LEU A 3 -11.74 -11.86 9.33
CA LEU A 3 -10.69 -11.25 8.52
C LEU A 3 -9.99 -12.33 7.72
N MET A 4 -10.00 -12.18 6.40
CA MET A 4 -9.37 -13.12 5.48
C MET A 4 -8.51 -12.33 4.52
N VAL A 5 -7.41 -12.93 4.08
CA VAL A 5 -6.53 -12.28 3.11
C VAL A 5 -6.40 -13.21 1.90
N LYS A 6 -6.52 -12.66 0.70
CA LYS A 6 -6.38 -13.45 -0.52
C LYS A 6 -5.39 -12.75 -1.44
N VAL A 7 -4.45 -13.49 -2.01
CA VAL A 7 -3.39 -12.91 -2.82
C VAL A 7 -3.31 -13.66 -4.14
N LEU A 8 -3.29 -12.92 -5.25
CA LEU A 8 -3.23 -13.47 -6.60
C LEU A 8 -1.99 -12.97 -7.33
N ASP A 9 -1.56 -13.76 -8.31
CA ASP A 9 -0.37 -13.51 -9.11
C ASP A 9 -0.81 -13.20 -10.54
N ALA A 10 -0.59 -11.95 -10.97
CA ALA A 10 -0.99 -11.49 -12.30
C ALA A 10 -0.01 -11.88 -13.40
N VAL A 11 1.18 -12.38 -13.05
CA VAL A 11 2.13 -12.82 -14.07
C VAL A 11 1.85 -14.25 -14.49
N ARG A 12 1.60 -15.11 -13.51
CA ARG A 12 1.35 -16.52 -13.75
C ARG A 12 -0.14 -16.85 -13.88
N GLY A 13 -1.02 -15.93 -13.48
CA GLY A 13 -2.44 -16.19 -13.48
C GLY A 13 -2.81 -17.28 -12.50
N SER A 14 -2.41 -17.10 -11.25
CA SER A 14 -2.56 -18.17 -10.27
C SER A 14 -2.72 -17.55 -8.90
N PRO A 15 -3.19 -18.32 -7.93
CA PRO A 15 -3.04 -17.88 -6.54
C PRO A 15 -1.56 -17.66 -6.24
N ALA A 16 -1.29 -16.70 -5.37
CA ALA A 16 0.06 -16.48 -4.87
C ALA A 16 0.22 -17.31 -3.60
N ILE A 17 1.00 -18.38 -3.70
CA ILE A 17 1.09 -19.42 -2.67
C ILE A 17 2.29 -19.15 -1.78
N ASN A 18 2.14 -19.41 -0.48
CA ASN A 18 3.21 -19.30 0.50
C ASN A 18 3.73 -17.88 0.66
N VAL A 19 2.84 -16.91 0.51
CA VAL A 19 3.16 -15.51 0.74
C VAL A 19 3.02 -15.21 2.22
N ALA A 20 4.06 -14.63 2.82
CA ALA A 20 3.96 -14.24 4.22
C ALA A 20 3.11 -12.99 4.36
N VAL A 21 2.22 -13.00 5.35
CA VAL A 21 1.31 -11.90 5.63
C VAL A 21 1.39 -11.59 7.12
N HIS A 22 1.61 -10.31 7.46
CA HIS A 22 1.65 -9.86 8.84
C HIS A 22 0.57 -8.82 9.07
N VAL A 23 -0.19 -8.98 10.14
CA VAL A 23 -1.23 -8.02 10.50
C VAL A 23 -0.81 -7.34 11.80
N PHE A 24 -0.97 -6.02 11.83
CA PHE A 24 -0.67 -5.22 13.00
C PHE A 24 -1.90 -4.41 13.37
N ARG A 25 -1.99 -4.04 14.64
CA ARG A 25 -3.03 -3.16 15.13
C ARG A 25 -2.37 -1.94 15.77
N LYS A 26 -2.88 -0.76 15.47
CA LYS A 26 -2.28 0.46 15.97
C LYS A 26 -2.51 0.58 17.47
N ALA A 27 -1.44 0.83 18.23
CA ALA A 27 -1.54 0.95 19.68
C ALA A 27 -1.82 2.40 20.08
N ALA A 28 -2.02 2.60 21.39
CA ALA A 28 -2.35 3.93 21.89
C ALA A 28 -1.26 4.94 21.59
N ASP A 29 0.01 4.53 21.70
CA ASP A 29 1.15 5.40 21.46
C ASP A 29 1.58 5.47 19.99
N ASP A 30 0.67 5.27 19.04
CA ASP A 30 1.05 5.20 17.61
C ASP A 30 2.19 4.24 17.34
N THR A 31 2.10 3.04 17.87
CA THR A 31 3.02 2.01 17.40
C THR A 31 2.21 0.85 16.85
N TRP A 32 2.79 0.18 15.87
CA TRP A 32 2.14 -0.96 15.24
C TRP A 32 2.42 -2.19 16.09
N GLU A 33 1.37 -2.73 16.71
CA GLU A 33 1.71 -3.92 17.45
C GLU A 33 1.33 -5.17 16.64
N PRO A 34 2.15 -6.21 16.70
CA PRO A 34 1.81 -7.44 15.97
C PRO A 34 0.49 -7.98 16.46
N PHE A 35 -0.34 -8.41 15.51
CA PHE A 35 -1.69 -8.88 15.78
C PHE A 35 -1.93 -10.31 15.32
N ALA A 36 -1.52 -10.64 14.11
CA ALA A 36 -1.69 -11.97 13.55
C ALA A 36 -0.79 -12.09 12.33
N SER A 37 -0.44 -13.32 11.97
CA SER A 37 0.32 -13.52 10.75
C SER A 37 0.12 -14.95 10.24
N GLY A 38 0.55 -15.17 9.01
CA GLY A 38 0.53 -16.51 8.46
C GLY A 38 1.11 -16.49 7.05
N LYS A 39 0.92 -17.61 6.35
CA LYS A 39 1.34 -17.72 4.96
C LYS A 39 0.13 -18.17 4.13
N THR A 40 0.01 -17.65 2.91
CA THR A 40 -1.14 -18.03 2.09
C THR A 40 -1.06 -19.51 1.70
N SER A 41 -2.23 -20.13 1.58
CA SER A 41 -2.40 -21.53 1.21
C SER A 41 -2.19 -21.71 -0.28
N GLU A 42 -2.39 -22.96 -0.75
CA GLU A 42 -2.34 -23.24 -2.17
C GLU A 42 -3.43 -22.53 -2.96
N SER A 43 -4.50 -22.09 -2.29
CA SER A 43 -5.54 -21.30 -2.92
C SER A 43 -5.24 -19.81 -2.85
N GLY A 44 -4.10 -19.43 -2.30
CA GLY A 44 -3.77 -18.02 -2.15
C GLY A 44 -4.45 -17.35 -0.98
N GLU A 45 -5.08 -18.11 -0.10
CA GLU A 45 -5.89 -17.56 0.97
C GLU A 45 -5.24 -17.81 2.32
N LEU A 46 -5.50 -16.90 3.24
CA LEU A 46 -5.03 -17.01 4.61
C LEU A 46 -6.27 -16.86 5.48
N HIS A 47 -6.70 -17.95 6.09
CA HIS A 47 -7.83 -18.00 7.00
C HIS A 47 -7.33 -18.15 8.42
N GLY A 48 -8.22 -17.89 9.37
CA GLY A 48 -7.89 -18.13 10.76
C GLY A 48 -6.95 -17.12 11.38
N LEU A 49 -6.82 -15.92 10.80
CA LEU A 49 -5.94 -14.91 11.37
C LEU A 49 -6.40 -14.48 12.75
N THR A 50 -7.72 -14.37 12.97
CA THR A 50 -8.23 -13.83 14.22
C THR A 50 -9.62 -14.39 14.46
N THR A 51 -10.22 -13.98 15.58
CA THR A 51 -11.57 -14.36 15.96
C THR A 51 -12.41 -13.11 16.08
N GLU A 52 -13.73 -13.29 16.13
CA GLU A 52 -14.61 -12.15 16.36
C GLU A 52 -14.28 -11.47 17.68
N GLU A 53 -13.99 -12.25 18.72
CA GLU A 53 -13.71 -11.67 20.03
C GLU A 53 -12.48 -10.77 19.97
N GLU A 54 -11.45 -11.18 19.22
CA GLU A 54 -10.21 -10.41 19.21
C GLU A 54 -10.21 -9.27 18.22
N PHE A 55 -11.05 -9.30 17.19
CA PHE A 55 -10.99 -8.34 16.09
C PHE A 55 -11.89 -7.13 16.38
N VAL A 56 -11.43 -6.31 17.30
CA VAL A 56 -12.21 -5.15 17.72
C VAL A 56 -11.99 -3.98 16.76
N GLU A 57 -12.82 -2.94 16.89
CA GLU A 57 -12.60 -1.72 16.13
C GLU A 57 -11.19 -1.20 16.39
N GLY A 58 -10.59 -0.63 15.36
CA GLY A 58 -9.24 -0.11 15.45
C GLY A 58 -8.69 0.12 14.06
N ILE A 59 -7.44 0.58 14.03
CA ILE A 59 -6.71 0.74 12.78
C ILE A 59 -5.77 -0.44 12.63
N TYR A 60 -5.87 -1.12 11.49
CA TYR A 60 -5.10 -2.31 11.22
C TYR A 60 -4.22 -2.10 9.99
N LYS A 61 -3.09 -2.79 9.98
CA LYS A 61 -2.17 -2.79 8.85
C LYS A 61 -1.93 -4.24 8.44
N VAL A 62 -2.19 -4.55 7.18
CA VAL A 62 -1.87 -5.86 6.61
C VAL A 62 -0.67 -5.68 5.71
N GLU A 63 0.44 -6.34 6.05
CA GLU A 63 1.66 -6.28 5.26
C GLU A 63 1.84 -7.59 4.52
N ILE A 64 1.94 -7.52 3.19
CA ILE A 64 2.07 -8.69 2.34
C ILE A 64 3.50 -8.70 1.80
N ASP A 65 4.24 -9.78 2.06
CA ASP A 65 5.68 -9.81 1.76
C ASP A 65 5.88 -10.20 0.30
N THR A 66 5.60 -9.21 -0.57
CA THR A 66 5.65 -9.43 -2.02
C THR A 66 7.08 -9.61 -2.51
N LYS A 67 8.05 -8.93 -1.89
CA LYS A 67 9.42 -9.01 -2.39
C LYS A 67 9.95 -10.42 -2.30
N SER A 68 9.71 -11.11 -1.18
CA SER A 68 10.19 -12.47 -1.05
C SER A 68 9.44 -13.42 -1.96
N TYR A 69 8.18 -13.10 -2.28
CA TYR A 69 7.42 -13.92 -3.20
C TYR A 69 8.04 -13.89 -4.59
N TRP A 70 8.32 -12.69 -5.10
CA TRP A 70 8.91 -12.56 -6.43
C TRP A 70 10.33 -13.14 -6.47
N LYS A 71 11.11 -12.93 -5.40
CA LYS A 71 12.45 -13.49 -5.38
C LYS A 71 12.44 -15.01 -5.47
N ALA A 72 11.47 -15.66 -4.82
CA ALA A 72 11.38 -17.12 -4.89
C ALA A 72 11.02 -17.60 -6.29
N LEU A 73 10.44 -16.75 -7.11
CA LEU A 73 10.15 -17.08 -8.51
C LEU A 73 11.24 -16.63 -9.46
N GLY A 74 12.36 -16.11 -8.93
CA GLY A 74 13.40 -15.63 -9.81
C GLY A 74 13.03 -14.38 -10.57
N ILE A 75 12.07 -13.60 -10.08
CA ILE A 75 11.59 -12.41 -10.76
C ILE A 75 11.98 -11.19 -9.95
N SER A 76 12.43 -10.14 -10.64
CA SER A 76 12.93 -8.93 -10.01
C SER A 76 11.82 -7.96 -9.65
N PRO A 77 11.58 -7.74 -8.34
CA PRO A 77 10.45 -6.88 -7.94
C PRO A 77 10.80 -5.45 -7.60
N PHE A 78 9.79 -4.59 -7.58
CA PHE A 78 9.95 -3.18 -7.22
C PHE A 78 9.75 -2.91 -5.73
N HIS A 79 8.63 -3.38 -5.17
CA HIS A 79 8.23 -3.00 -3.83
C HIS A 79 8.89 -3.86 -2.77
N GLU A 80 9.08 -3.28 -1.58
CA GLU A 80 9.53 -4.08 -0.44
C GLU A 80 8.42 -5.01 0.04
N HIS A 81 7.20 -4.50 0.05
CA HIS A 81 6.03 -5.27 0.46
C HIS A 81 4.83 -4.46 0.01
N ALA A 82 3.65 -5.03 0.17
CA ALA A 82 2.41 -4.31 -0.07
C ALA A 82 1.75 -4.10 1.29
N GLU A 83 1.32 -2.87 1.56
CA GLU A 83 0.78 -2.48 2.86
C GLU A 83 -0.65 -1.99 2.68
N VAL A 84 -1.57 -2.53 3.48
CA VAL A 84 -2.98 -2.17 3.42
C VAL A 84 -3.38 -1.70 4.79
N VAL A 85 -3.73 -0.43 4.93
CA VAL A 85 -4.01 0.18 6.22
C VAL A 85 -5.47 0.66 6.22
N PHE A 86 -6.24 0.24 7.24
CA PHE A 86 -7.67 0.50 7.25
C PHE A 86 -8.19 0.51 8.67
N THR A 87 -9.30 1.22 8.87
CA THR A 87 -10.04 1.17 10.13
C THR A 87 -11.13 0.10 10.03
N ALA A 88 -11.25 -0.72 11.06
CA ALA A 88 -12.35 -1.65 11.11
C ALA A 88 -13.41 -0.98 11.96
N ASN A 89 -14.65 -0.97 11.46
CA ASN A 89 -15.80 -0.37 12.15
C ASN A 89 -16.91 -1.40 12.29
N ASP A 90 -17.52 -1.43 13.48
CA ASP A 90 -18.52 -2.44 13.81
C ASP A 90 -19.87 -2.24 13.16
N SER A 91 -20.19 -1.04 12.67
CA SER A 91 -21.53 -0.84 12.11
C SER A 91 -21.57 -1.25 10.63
N GLY A 92 -20.43 -1.21 9.95
CA GLY A 92 -20.36 -1.76 8.61
C GLY A 92 -20.45 -3.27 8.70
N PRO A 93 -20.53 -3.93 7.55
CA PRO A 93 -20.56 -5.41 7.54
C PRO A 93 -19.37 -6.00 8.30
N ARG A 94 -19.47 -7.24 8.76
CA ARG A 94 -18.49 -7.73 9.72
C ARG A 94 -17.63 -8.89 9.22
N ARG A 95 -17.61 -9.16 7.92
CA ARG A 95 -16.56 -10.01 7.36
C ARG A 95 -15.72 -9.18 6.40
N TYR A 96 -14.41 -9.17 6.61
CA TYR A 96 -13.48 -8.38 5.80
C TYR A 96 -12.60 -9.34 5.01
N THR A 97 -12.61 -9.20 3.69
CA THR A 97 -11.61 -9.86 2.87
C THR A 97 -10.71 -8.80 2.29
N ILE A 98 -9.42 -8.89 2.60
CA ILE A 98 -8.41 -8.01 2.03
C ILE A 98 -7.76 -8.79 0.90
N ALA A 99 -7.95 -8.33 -0.33
CA ALA A 99 -7.41 -9.04 -1.48
C ALA A 99 -6.32 -8.20 -2.13
N ALA A 100 -5.32 -8.87 -2.68
CA ALA A 100 -4.25 -8.18 -3.38
C ALA A 100 -3.92 -8.93 -4.66
N LEU A 101 -3.65 -8.18 -5.73
CA LEU A 101 -3.26 -8.73 -7.03
C LEU A 101 -1.88 -8.20 -7.33
N LEU A 102 -0.90 -9.10 -7.53
CA LEU A 102 0.51 -8.74 -7.56
C LEU A 102 1.10 -8.87 -8.96
N SER A 103 1.86 -7.84 -9.35
CA SER A 103 2.78 -7.87 -10.48
C SER A 103 4.11 -7.38 -9.97
N PRO A 104 5.20 -7.57 -10.73
CA PRO A 104 6.50 -7.18 -10.18
C PRO A 104 6.64 -5.71 -9.86
N TYR A 105 6.05 -4.82 -10.68
CA TYR A 105 6.15 -3.38 -10.47
C TYR A 105 4.81 -2.74 -10.13
N SER A 106 3.81 -3.52 -9.74
CA SER A 106 2.48 -2.97 -9.52
C SER A 106 1.72 -3.89 -8.59
N TYR A 107 0.85 -3.31 -7.75
CA TYR A 107 -0.14 -4.18 -7.11
C TYR A 107 -1.44 -3.43 -6.94
N SER A 108 -2.51 -4.19 -6.79
CA SER A 108 -3.81 -3.63 -6.54
C SER A 108 -4.36 -4.29 -5.29
N THR A 109 -5.14 -3.54 -4.53
CA THR A 109 -5.75 -4.14 -3.35
C THR A 109 -7.18 -3.65 -3.27
N THR A 110 -8.07 -4.52 -2.83
CA THR A 110 -9.45 -4.14 -2.62
C THR A 110 -9.96 -4.80 -1.35
N ALA A 111 -11.02 -4.24 -0.81
CA ALA A 111 -11.67 -4.78 0.36
C ALA A 111 -13.03 -5.27 -0.05
N VAL A 112 -13.36 -6.51 0.32
CA VAL A 112 -14.69 -7.06 0.13
C VAL A 112 -15.27 -7.24 1.50
N VAL A 113 -16.28 -6.45 1.83
CA VAL A 113 -16.84 -6.41 3.17
C VAL A 113 -18.28 -6.85 3.06
N THR A 114 -18.61 -7.97 3.70
CA THR A 114 -19.92 -8.59 3.53
C THR A 114 -20.57 -8.88 4.88
N ASN A 115 -21.86 -9.17 4.82
CA ASN A 115 -22.72 -9.42 5.99
C ASN A 115 -22.78 -8.21 6.93
N CYS B 1 11.54 15.82 -10.23
CA CYS B 1 12.45 15.44 -11.31
C CYS B 1 12.86 13.95 -11.20
N PRO B 2 13.66 13.53 -10.20
CA PRO B 2 13.91 12.09 -10.04
C PRO B 2 12.76 11.32 -9.42
N LEU B 3 11.80 12.00 -8.80
CA LEU B 3 10.68 11.31 -8.15
C LEU B 3 9.42 12.11 -8.41
N MET B 4 8.44 11.48 -9.05
CA MET B 4 7.17 12.12 -9.36
C MET B 4 6.06 11.20 -8.90
N VAL B 5 4.96 11.79 -8.45
CA VAL B 5 3.80 11.02 -8.00
C VAL B 5 2.60 11.47 -8.82
N LYS B 6 1.82 10.52 -9.32
CA LYS B 6 0.64 10.83 -10.12
C LYS B 6 -0.53 10.05 -9.55
N VAL B 7 -1.68 10.72 -9.35
CA VAL B 7 -2.83 10.09 -8.72
C VAL B 7 -4.07 10.34 -9.57
N LEU B 8 -4.83 9.28 -9.84
CA LEU B 8 -6.04 9.33 -10.64
C LEU B 8 -7.22 8.87 -9.81
N ASP B 9 -8.41 9.34 -10.20
CA ASP B 9 -9.66 9.04 -9.54
C ASP B 9 -10.49 8.15 -10.46
N ALA B 10 -10.71 6.89 -10.06
CA ALA B 10 -11.43 5.92 -10.87
C ALA B 10 -12.95 6.07 -10.79
N VAL B 11 -13.46 6.90 -9.89
CA VAL B 11 -14.89 7.14 -9.80
C VAL B 11 -15.33 8.23 -10.77
N ARG B 12 -14.54 9.31 -10.83
CA ARG B 12 -14.83 10.45 -11.70
C ARG B 12 -14.17 10.35 -13.06
N GLY B 13 -13.14 9.51 -13.21
CA GLY B 13 -12.38 9.52 -14.44
C GLY B 13 -11.62 10.81 -14.60
N SER B 14 -10.85 11.17 -13.59
CA SER B 14 -10.19 12.46 -13.56
C SER B 14 -8.88 12.34 -12.80
N PRO B 15 -7.97 13.29 -12.96
CA PRO B 15 -6.87 13.39 -12.02
C PRO B 15 -7.43 13.57 -10.61
N ALA B 16 -6.71 13.03 -9.64
CA ALA B 16 -7.04 13.25 -8.23
C ALA B 16 -6.28 14.49 -7.77
N ILE B 17 -7.02 15.60 -7.55
CA ILE B 17 -6.41 16.90 -7.34
C ILE B 17 -6.30 17.17 -5.85
N ASN B 18 -5.21 17.83 -5.45
CA ASN B 18 -4.98 18.26 -4.05
C ASN B 18 -4.86 17.08 -3.09
N VAL B 19 -4.31 15.98 -3.56
CA VAL B 19 -4.06 14.82 -2.69
C VAL B 19 -2.74 15.05 -1.97
N ALA B 20 -2.76 14.93 -0.65
CA ALA B 20 -1.53 15.08 0.12
C ALA B 20 -0.67 13.82 -0.02
N VAL B 21 0.64 14.03 -0.18
CA VAL B 21 1.61 12.95 -0.34
C VAL B 21 2.78 13.22 0.60
N HIS B 22 3.15 12.23 1.40
CA HIS B 22 4.29 12.33 2.30
C HIS B 22 5.30 11.25 1.94
N VAL B 23 6.57 11.63 1.82
CA VAL B 23 7.64 10.68 1.51
C VAL B 23 8.53 10.57 2.72
N PHE B 24 8.88 9.33 3.08
CA PHE B 24 9.79 9.05 4.19
C PHE B 24 10.93 8.22 3.66
N ARG B 25 12.08 8.29 4.35
CA ARG B 25 13.24 7.48 4.04
C ARG B 25 13.68 6.75 5.29
N LYS B 26 13.96 5.46 5.16
CA LYS B 26 14.35 4.67 6.31
C LYS B 26 15.72 5.10 6.79
N ALA B 27 15.84 5.42 8.09
CA ALA B 27 17.10 5.90 8.64
C ALA B 27 17.94 4.74 9.17
N ALA B 28 19.16 5.07 9.63
CA ALA B 28 20.06 4.06 10.16
C ALA B 28 19.46 3.35 11.36
N ASP B 29 18.75 4.09 12.21
CA ASP B 29 18.12 3.48 13.39
C ASP B 29 16.82 2.77 13.03
N ASP B 30 16.68 2.39 11.76
CA ASP B 30 15.51 1.70 11.23
C ASP B 30 14.21 2.41 11.64
N THR B 31 14.20 3.73 11.49
CA THR B 31 12.97 4.51 11.64
C THR B 31 12.67 5.31 10.38
N TRP B 32 11.39 5.63 10.21
CA TRP B 32 10.92 6.42 9.08
C TRP B 32 11.05 7.90 9.40
N GLU B 33 12.02 8.54 8.77
CA GLU B 33 12.27 9.97 8.74
C GLU B 33 11.74 10.70 7.53
N PRO B 34 11.14 11.84 7.82
CA PRO B 34 10.50 12.61 6.78
C PRO B 34 11.51 13.02 5.74
N PHE B 35 11.10 12.91 4.48
CA PHE B 35 11.99 13.20 3.38
C PHE B 35 11.46 14.32 2.51
N ALA B 36 10.19 14.29 2.15
CA ALA B 36 9.60 15.34 1.32
C ALA B 36 8.08 15.19 1.37
N SER B 37 7.36 16.27 1.07
CA SER B 37 5.90 16.12 0.93
C SER B 37 5.38 17.18 -0.04
N GLY B 38 4.14 16.98 -0.46
CA GLY B 38 3.48 17.96 -1.31
C GLY B 38 2.05 17.55 -1.59
N LYS B 39 1.42 18.26 -2.52
CA LYS B 39 0.05 17.96 -2.93
C LYS B 39 -0.03 17.88 -4.45
N THR B 40 -0.88 16.99 -4.94
CA THR B 40 -1.03 16.87 -6.39
C THR B 40 -1.71 18.11 -6.97
N SER B 41 -1.31 18.44 -8.19
CA SER B 41 -1.82 19.58 -8.95
C SER B 41 -3.16 19.25 -9.59
N GLU B 42 -3.64 20.20 -10.40
CA GLU B 42 -4.86 19.99 -11.17
C GLU B 42 -4.69 18.87 -12.19
N SER B 43 -3.46 18.51 -12.55
CA SER B 43 -3.21 17.38 -13.44
C SER B 43 -3.05 16.07 -12.67
N GLY B 44 -3.19 16.10 -11.35
CA GLY B 44 -2.99 14.91 -10.53
C GLY B 44 -1.54 14.58 -10.28
N GLU B 45 -0.63 15.48 -10.63
CA GLU B 45 0.80 15.20 -10.56
C GLU B 45 1.47 16.02 -9.48
N LEU B 46 2.51 15.42 -8.90
CA LEU B 46 3.30 16.09 -7.87
C LEU B 46 4.75 16.00 -8.31
N HIS B 47 5.29 17.13 -8.72
CA HIS B 47 6.68 17.29 -9.13
C HIS B 47 7.45 18.07 -8.07
N GLY B 48 8.77 18.01 -8.17
CA GLY B 48 9.60 18.81 -7.30
C GLY B 48 9.73 18.33 -5.88
N LEU B 49 9.43 17.06 -5.62
CA LEU B 49 9.58 16.56 -4.25
C LEU B 49 11.03 16.59 -3.81
N THR B 50 11.96 16.30 -4.73
CA THR B 50 13.36 16.18 -4.33
C THR B 50 14.26 16.50 -5.52
N THR B 51 15.56 16.42 -5.27
CA THR B 51 16.58 16.68 -6.27
C THR B 51 17.42 15.43 -6.45
N GLU B 52 18.18 15.39 -7.54
CA GLU B 52 19.10 14.29 -7.76
C GLU B 52 20.09 14.19 -6.59
N GLU B 53 20.56 15.34 -6.11
CA GLU B 53 21.53 15.34 -5.02
C GLU B 53 20.95 14.75 -3.74
N GLU B 54 19.69 15.09 -3.42
CA GLU B 54 19.15 14.64 -2.15
C GLU B 54 18.55 13.25 -2.20
N PHE B 55 18.21 12.75 -3.37
CA PHE B 55 17.50 11.48 -3.52
C PHE B 55 18.52 10.35 -3.64
N VAL B 56 19.13 10.04 -2.50
CA VAL B 56 20.20 9.04 -2.45
C VAL B 56 19.61 7.63 -2.37
N GLU B 57 20.47 6.63 -2.45
CA GLU B 57 20.06 5.26 -2.20
C GLU B 57 19.33 5.16 -0.88
N GLY B 58 18.33 4.29 -0.82
CA GLY B 58 17.65 4.07 0.43
C GLY B 58 16.36 3.35 0.20
N ILE B 59 15.67 3.07 1.31
CA ILE B 59 14.32 2.54 1.28
C ILE B 59 13.38 3.70 1.55
N TYR B 60 12.43 3.89 0.65
CA TYR B 60 11.53 5.02 0.71
C TYR B 60 10.11 4.54 0.86
N LYS B 61 9.29 5.35 1.52
CA LYS B 61 7.86 5.11 1.65
C LYS B 61 7.13 6.34 1.15
N VAL B 62 6.28 6.16 0.15
CA VAL B 62 5.41 7.22 -0.36
C VAL B 62 4.02 6.93 0.19
N GLU B 63 3.55 7.82 1.05
CA GLU B 63 2.24 7.69 1.66
C GLU B 63 1.31 8.67 0.95
N ILE B 64 0.24 8.16 0.38
CA ILE B 64 -0.71 8.97 -0.36
C ILE B 64 -1.97 9.04 0.48
N ASP B 65 -2.39 10.25 0.85
CA ASP B 65 -3.46 10.41 1.84
CA ASP B 65 -3.45 10.39 1.85
C ASP B 65 -4.81 10.29 1.16
N THR B 66 -5.18 9.04 0.86
CA THR B 66 -6.42 8.77 0.14
C THR B 66 -7.66 9.05 1.01
N LYS B 67 -7.59 8.80 2.33
CA LYS B 67 -8.77 9.00 3.16
C LYS B 67 -9.19 10.46 3.17
N SER B 68 -8.23 11.38 3.30
CA SER B 68 -8.62 12.79 3.31
C SER B 68 -9.09 13.25 1.95
N TYR B 69 -8.62 12.61 0.88
CA TYR B 69 -9.10 12.93 -0.45
C TYR B 69 -10.58 12.59 -0.59
N TRP B 70 -10.95 11.36 -0.22
CA TRP B 70 -12.34 10.92 -0.35
C TRP B 70 -13.26 11.67 0.61
N LYS B 71 -12.80 11.90 1.84
CA LYS B 71 -13.63 12.60 2.82
C LYS B 71 -13.95 14.01 2.35
N ALA B 72 -13.00 14.67 1.70
CA ALA B 72 -13.26 16.01 1.16
C ALA B 72 -14.32 15.97 0.07
N LEU B 73 -14.52 14.82 -0.57
CA LEU B 73 -15.54 14.60 -1.57
C LEU B 73 -16.83 14.04 -0.98
N GLY B 74 -16.96 14.00 0.35
CA GLY B 74 -18.14 13.46 1.02
C GLY B 74 -18.30 11.95 1.00
N ILE B 75 -17.21 11.18 0.84
CA ILE B 75 -17.25 9.73 0.76
C ILE B 75 -16.45 9.12 1.92
N SER B 76 -17.00 8.08 2.57
CA SER B 76 -16.22 7.39 3.59
C SER B 76 -15.50 6.21 2.93
N PRO B 77 -14.18 6.28 2.77
CA PRO B 77 -13.43 5.24 2.07
C PRO B 77 -12.99 4.18 3.05
N PHE B 78 -12.44 3.10 2.52
CA PHE B 78 -12.01 1.98 3.36
C PHE B 78 -10.62 2.23 3.97
N HIS B 79 -9.68 2.65 3.15
CA HIS B 79 -8.27 2.73 3.54
C HIS B 79 -7.95 4.04 4.24
N GLU B 80 -6.96 3.97 5.14
CA GLU B 80 -6.42 5.18 5.76
C GLU B 80 -5.58 5.97 4.77
N HIS B 81 -4.76 5.27 3.99
CA HIS B 81 -3.91 5.87 2.98
C HIS B 81 -3.39 4.72 2.13
N ALA B 82 -2.68 5.07 1.07
CA ALA B 82 -1.98 4.11 0.25
C ALA B 82 -0.51 4.30 0.50
N GLU B 83 0.21 3.20 0.78
CA GLU B 83 1.61 3.26 1.13
C GLU B 83 2.40 2.49 0.08
N VAL B 84 3.43 3.11 -0.47
CA VAL B 84 4.26 2.49 -1.50
C VAL B 84 5.68 2.47 -0.97
N VAL B 85 6.22 1.28 -0.73
CA VAL B 85 7.54 1.13 -0.09
C VAL B 85 8.48 0.43 -1.07
N PHE B 86 9.65 1.04 -1.32
CA PHE B 86 10.54 0.51 -2.33
C PHE B 86 11.96 0.96 -2.07
N THR B 87 12.91 0.18 -2.58
CA THR B 87 14.30 0.60 -2.58
C THR B 87 14.55 1.43 -3.83
N ALA B 88 15.19 2.58 -3.66
CA ALA B 88 15.50 3.46 -4.78
C ALA B 88 16.99 3.66 -4.97
N ASN B 89 17.41 3.75 -6.24
CA ASN B 89 18.74 4.16 -6.64
C ASN B 89 19.83 3.16 -6.24
N ASP B 90 19.45 1.91 -5.99
CA ASP B 90 20.43 0.91 -5.58
C ASP B 90 21.34 0.50 -6.72
N SER B 91 20.91 0.67 -7.96
CA SER B 91 21.69 0.40 -9.16
C SER B 91 22.10 1.70 -9.86
N GLY B 92 22.18 2.79 -9.10
CA GLY B 92 22.54 4.08 -9.65
C GLY B 92 21.27 4.90 -9.75
N PRO B 93 21.39 6.19 -10.04
CA PRO B 93 20.18 7.03 -10.11
C PRO B 93 19.22 6.58 -11.21
N ARG B 94 17.94 6.64 -10.89
CA ARG B 94 16.85 6.33 -11.81
C ARG B 94 15.85 7.46 -11.68
N ARG B 95 14.90 7.54 -12.61
CA ARG B 95 13.76 8.41 -12.40
C ARG B 95 12.53 7.57 -12.15
N TYR B 96 11.83 7.88 -11.06
CA TYR B 96 10.71 7.10 -10.57
C TYR B 96 9.42 7.90 -10.70
N THR B 97 8.41 7.30 -11.35
CA THR B 97 7.05 7.78 -11.25
C THR B 97 6.27 6.76 -10.45
N ILE B 98 5.71 7.20 -9.33
CA ILE B 98 4.83 6.38 -8.51
C ILE B 98 3.42 6.82 -8.83
N ALA B 99 2.64 5.92 -9.42
CA ALA B 99 1.27 6.23 -9.82
C ALA B 99 0.29 5.46 -8.96
N ALA B 100 -0.87 6.07 -8.68
CA ALA B 100 -1.91 5.40 -7.93
C ALA B 100 -3.25 5.70 -8.56
N LEU B 101 -4.12 4.69 -8.60
CA LEU B 101 -5.47 4.83 -9.12
C LEU B 101 -6.44 4.51 -7.99
N LEU B 102 -7.33 5.44 -7.66
CA LEU B 102 -8.11 5.38 -6.42
C LEU B 102 -9.59 5.12 -6.65
N SER B 103 -10.15 4.20 -5.86
CA SER B 103 -11.59 4.02 -5.67
C SER B 103 -11.84 3.99 -4.18
N PRO B 104 -13.09 4.14 -3.74
CA PRO B 104 -13.33 4.20 -2.28
C PRO B 104 -12.90 2.96 -1.53
N TYR B 105 -13.01 1.76 -2.10
CA TYR B 105 -12.63 0.54 -1.40
C TYR B 105 -11.46 -0.19 -2.05
N SER B 106 -10.72 0.49 -2.94
CA SER B 106 -9.68 -0.21 -3.69
C SER B 106 -8.68 0.81 -4.19
N TYR B 107 -7.41 0.42 -4.26
CA TYR B 107 -6.49 1.24 -5.04
C TYR B 107 -5.46 0.35 -5.72
N SER B 108 -4.87 0.90 -6.77
CA SER B 108 -3.79 0.23 -7.46
C SER B 108 -2.62 1.19 -7.52
N THR B 109 -1.43 0.64 -7.52
CA THR B 109 -0.25 1.47 -7.67
C THR B 109 0.72 0.78 -8.61
N THR B 110 1.43 1.58 -9.40
CA THR B 110 2.46 1.03 -10.26
C THR B 110 3.64 1.99 -10.23
N ALA B 111 4.79 1.47 -10.60
CA ALA B 111 5.99 2.27 -10.69
C ALA B 111 6.47 2.27 -12.13
N VAL B 112 6.81 3.44 -12.65
CA VAL B 112 7.46 3.58 -13.95
C VAL B 112 8.86 4.09 -13.66
N VAL B 113 9.86 3.27 -13.96
CA VAL B 113 11.24 3.54 -13.63
C VAL B 113 12.04 3.65 -14.92
N THR B 114 12.65 4.79 -15.16
CA THR B 114 13.34 5.04 -16.41
C THR B 114 14.77 5.50 -16.14
N ASN B 115 15.58 5.49 -17.19
CA ASN B 115 17.02 5.75 -17.13
C ASN B 115 17.67 4.66 -16.28
#